data_8GEP
#
_entry.id   8GEP
#
_cell.length_a   69.800
_cell.length_b   77.400
_cell.length_c   87.800
_cell.angle_alpha   90.00
_cell.angle_beta   90.00
_cell.angle_gamma   90.00
#
_symmetry.space_group_name_H-M   'P 21 21 21'
#
loop_
_entity.id
_entity.type
_entity.pdbx_description
1 polymer 'SULFITE REDUCTASE HEMOPROTEIN'
2 non-polymer 'NITRATE ION'
3 non-polymer 'POTASSIUM ION'
4 non-polymer 'IRON/SULFUR CLUSTER'
5 non-polymer SIROHEME
6 water water
#
_entity_poly.entity_id   1
_entity_poly.type   'polypeptide(L)'
_entity_poly.pdbx_seq_one_letter_code
;LEPRHAMLLRCRLPGGVITTKQWQAIDKFAGENTIYGSIRLTNRQTFQFHGILKKNVKPVHQMLHSVGLDALATANDMNR
NVLCTSNPYESQLHAEAYEWAKKISEHLLPRTRAYAEIWLDQEKVATTDEEPILGQTYLPRKFKTTVVIPPQNDIDLHAN
DMNFVAIAENGKLVGFNLLVGGGLSIEHGNKKTYARTASEFGYLPLEHTLAVAEAVVTTQRDWGNRTDRKNAKTKYTLER
VGVETFKAEVERRAGIKFEPIRPYEFTGRGDRIGWVKGIDDNWHLTLFIENGRILDYPARPLKTGLLEIAKIHKGDFRIT
ANQNLIIAGVPESEKAKIEKIAKESGLMNAVTPQRENSMACVSFPTCPLAMAEAERFLPSFIDNIDNLMAKHGVSDEHIV
MRVTGCPNGCGRAMLAEVGLVGKAPGRYNLHLGGNRIGTRIPRMYKENITEPEILASLDELIGRWAKEREAGEGFGDFTV
RAGIIRPVLDPARDLWD
;
_entity_poly.pdbx_strand_id   A
#
loop_
_chem_comp.id
_chem_comp.type
_chem_comp.name
_chem_comp.formula
K non-polymer 'POTASSIUM ION' 'K 1'
NO3 non-polymer 'NITRATE ION' 'N O3 -1'
SF4 non-polymer 'IRON/SULFUR CLUSTER' 'Fe4 S4'
SRM non-polymer SIROHEME 'C42 H44 Fe N4 O16'
#
# COMPACT_ATOMS: atom_id res chain seq x y z
N LEU A 8 -4.11 13.10 16.17
CA LEU A 8 -3.66 12.02 15.28
C LEU A 8 -2.87 10.95 16.01
N LEU A 9 -3.28 9.72 15.79
CA LEU A 9 -2.62 8.57 16.39
C LEU A 9 -2.86 7.42 15.43
N ARG A 10 -1.87 6.54 15.35
CA ARG A 10 -1.95 5.38 14.48
C ARG A 10 -1.40 4.19 15.27
N CYS A 11 -2.06 3.04 15.17
CA CYS A 11 -1.64 1.87 15.92
C CYS A 11 -0.72 0.93 15.18
N ARG A 12 0.21 0.33 15.92
CA ARG A 12 1.17 -0.63 15.36
C ARG A 12 0.43 -1.97 15.25
N LEU A 13 0.05 -2.32 14.04
CA LEU A 13 -0.71 -3.55 13.77
C LEU A 13 -0.06 -4.38 12.66
N PRO A 14 1.05 -5.06 12.97
CA PRO A 14 1.76 -5.88 11.98
C PRO A 14 0.84 -6.78 11.15
N GLY A 15 1.06 -6.78 9.84
CA GLY A 15 0.25 -7.60 8.96
C GLY A 15 -1.22 -7.21 8.77
N GLY A 16 -1.67 -6.12 9.38
CA GLY A 16 -3.04 -5.69 9.24
C GLY A 16 -4.04 -6.53 10.02
N VAL A 17 -3.55 -7.55 10.71
CA VAL A 17 -4.45 -8.43 11.48
C VAL A 17 -4.90 -7.79 12.80
N ILE A 18 -6.19 -7.64 13.00
CA ILE A 18 -6.75 -7.05 14.21
C ILE A 18 -7.88 -7.95 14.69
N THR A 19 -8.08 -8.07 16.00
CA THR A 19 -9.16 -8.90 16.47
C THR A 19 -10.53 -8.22 16.51
N THR A 20 -11.56 -9.05 16.53
CA THR A 20 -12.93 -8.59 16.63
C THR A 20 -13.08 -7.81 17.95
N LYS A 21 -12.37 -8.30 18.96
CA LYS A 21 -12.39 -7.68 20.27
C LYS A 21 -11.73 -6.29 20.19
N GLN A 22 -10.58 -6.20 19.53
CA GLN A 22 -9.88 -4.93 19.39
C GLN A 22 -10.68 -4.00 18.50
N TRP A 23 -11.37 -4.57 17.53
CA TRP A 23 -12.18 -3.79 16.63
C TRP A 23 -13.28 -3.07 17.41
N GLN A 24 -13.92 -3.78 18.34
CA GLN A 24 -15.01 -3.23 19.15
C GLN A 24 -14.57 -2.10 20.06
N ALA A 25 -13.34 -2.15 20.52
CA ALA A 25 -12.80 -1.13 21.39
C ALA A 25 -12.54 0.18 20.62
N ILE A 26 -11.90 0.09 19.45
CA ILE A 26 -11.58 1.28 18.67
C ILE A 26 -12.78 1.93 17.99
N ASP A 27 -13.83 1.13 17.79
CA ASP A 27 -15.06 1.59 17.16
C ASP A 27 -15.73 2.54 18.17
N LYS A 28 -15.67 2.11 19.43
CA LYS A 28 -16.22 2.82 20.55
C LYS A 28 -15.48 4.15 20.70
N PHE A 29 -14.15 4.07 20.69
CA PHE A 29 -13.35 5.27 20.80
C PHE A 29 -13.54 6.23 19.62
N ALA A 30 -13.57 5.68 18.41
CA ALA A 30 -13.74 6.47 17.18
C ALA A 30 -14.94 7.40 17.24
N GLY A 31 -16.11 6.82 17.50
CA GLY A 31 -17.33 7.58 17.57
C GLY A 31 -17.49 8.41 18.84
N GLU A 32 -16.97 7.91 19.96
CA GLU A 32 -17.11 8.59 21.23
C GLU A 32 -16.14 9.73 21.49
N ASN A 33 -14.89 9.59 21.10
CA ASN A 33 -13.93 10.61 21.47
C ASN A 33 -13.12 11.30 20.42
N THR A 34 -13.62 11.39 19.18
CA THR A 34 -12.87 12.09 18.13
C THR A 34 -13.83 13.05 17.45
N ILE A 35 -13.30 14.07 16.78
CA ILE A 35 -14.14 15.07 16.12
C ILE A 35 -14.89 14.45 14.93
N TYR A 36 -14.16 13.68 14.11
CA TYR A 36 -14.71 13.04 12.91
C TYR A 36 -15.50 11.74 13.12
N GLY A 37 -15.27 11.10 14.27
CA GLY A 37 -15.96 9.84 14.59
C GLY A 37 -15.76 8.70 13.62
N SER A 38 -14.73 8.80 12.78
CA SER A 38 -14.47 7.80 11.78
C SER A 38 -13.31 6.91 12.12
N ILE A 39 -13.21 5.83 11.35
CA ILE A 39 -12.09 4.92 11.46
C ILE A 39 -11.45 5.01 10.07
N ARG A 40 -10.19 5.45 9.99
CA ARG A 40 -9.55 5.57 8.68
C ARG A 40 -8.52 4.47 8.41
N LEU A 41 -8.89 3.49 7.60
CA LEU A 41 -7.94 2.42 7.25
C LEU A 41 -6.89 3.03 6.36
N THR A 42 -5.63 2.75 6.68
CA THR A 42 -4.56 3.31 5.88
C THR A 42 -4.05 2.30 4.87
N ASN A 43 -3.24 2.80 3.94
CA ASN A 43 -2.63 1.96 2.94
C ASN A 43 -1.37 1.22 3.48
N ARG A 44 -1.12 1.31 4.78
CA ARG A 44 0.00 0.57 5.40
C ARG A 44 -0.55 -0.43 6.42
N GLN A 45 -1.75 -0.95 6.12
CA GLN A 45 -2.46 -1.94 6.93
C GLN A 45 -2.76 -1.62 8.40
N THR A 46 -3.16 -0.39 8.66
CA THR A 46 -3.52 0.02 10.01
C THR A 46 -4.63 1.07 9.94
N PHE A 47 -5.04 1.60 11.07
CA PHE A 47 -6.09 2.59 11.12
C PHE A 47 -5.67 3.91 11.72
N GLN A 48 -6.45 4.94 11.45
CA GLN A 48 -6.21 6.27 11.99
C GLN A 48 -7.48 6.92 12.50
N PHE A 49 -7.35 7.52 13.68
CA PHE A 49 -8.42 8.30 14.33
C PHE A 49 -8.17 9.76 13.91
N HIS A 50 -9.20 10.53 13.59
CA HIS A 50 -8.98 11.94 13.26
C HIS A 50 -9.65 12.84 14.27
N GLY A 51 -8.92 13.82 14.75
CA GLY A 51 -9.47 14.76 15.71
C GLY A 51 -9.73 14.23 17.12
N ILE A 52 -8.73 13.68 17.76
CA ILE A 52 -8.89 13.19 19.12
C ILE A 52 -8.95 14.45 20.00
N LEU A 53 -10.04 14.60 20.74
CA LEU A 53 -10.17 15.78 21.61
C LEU A 53 -9.26 15.64 22.83
N PRO A 59 -5.04 8.19 27.67
CA PRO A 59 -6.38 7.62 27.44
C PRO A 59 -6.49 6.78 26.16
N VAL A 60 -6.01 7.30 25.03
CA VAL A 60 -6.07 6.53 23.78
C VAL A 60 -5.19 5.29 23.97
N HIS A 61 -4.10 5.48 24.72
CA HIS A 61 -3.12 4.44 25.00
C HIS A 61 -3.62 3.44 26.02
N GLN A 62 -4.34 3.92 27.04
CA GLN A 62 -4.87 3.02 28.05
C GLN A 62 -5.86 2.06 27.37
N MET A 63 -6.71 2.60 26.49
CA MET A 63 -7.68 1.81 25.73
C MET A 63 -6.97 0.93 24.69
N LEU A 64 -5.88 1.42 24.11
CA LEU A 64 -5.13 0.61 23.13
C LEU A 64 -4.55 -0.56 23.92
N HIS A 65 -3.82 -0.19 24.97
CA HIS A 65 -3.17 -1.12 25.87
C HIS A 65 -4.09 -2.22 26.40
N SER A 66 -5.30 -1.83 26.81
CA SER A 66 -6.29 -2.77 27.35
C SER A 66 -6.69 -3.87 26.36
N VAL A 67 -6.69 -3.54 25.08
CA VAL A 67 -7.01 -4.52 24.04
C VAL A 67 -5.75 -5.13 23.40
N GLY A 68 -4.58 -4.77 23.95
CA GLY A 68 -3.31 -5.30 23.45
C GLY A 68 -2.57 -4.55 22.33
N LEU A 69 -2.99 -3.32 22.06
CA LEU A 69 -2.39 -2.52 20.99
C LEU A 69 -1.47 -1.41 21.48
N ASP A 70 -0.49 -1.05 20.67
CA ASP A 70 0.40 0.05 21.02
C ASP A 70 0.55 0.90 19.78
N ALA A 71 0.77 2.19 20.00
CA ALA A 71 0.97 3.17 18.95
C ALA A 71 2.47 3.45 19.01
N LEU A 72 3.24 2.80 18.12
CA LEU A 72 4.70 2.96 18.09
C LEU A 72 5.26 4.31 18.52
N ASN A 76 10.82 9.39 18.16
CA ASN A 76 12.05 8.68 18.46
C ASN A 76 12.21 7.44 17.57
N ASP A 77 11.11 6.70 17.39
CA ASP A 77 11.13 5.50 16.55
C ASP A 77 10.81 5.89 15.12
N MET A 78 11.70 5.50 14.20
CA MET A 78 11.51 5.78 12.78
C MET A 78 11.01 4.53 12.09
N ASN A 79 10.57 3.54 12.85
CA ASN A 79 10.05 2.31 12.28
C ASN A 79 8.56 2.49 12.02
N ARG A 80 8.14 2.20 10.80
CA ARG A 80 6.73 2.31 10.44
C ARG A 80 6.13 0.89 10.50
N ASN A 81 4.84 0.78 10.24
CA ASN A 81 4.09 -0.47 10.26
C ASN A 81 4.64 -1.48 9.20
N VAL A 82 4.89 -2.72 9.61
CA VAL A 82 5.38 -3.78 8.74
C VAL A 82 4.17 -4.44 8.06
N LEU A 83 4.18 -4.50 6.72
CA LEU A 83 3.08 -5.09 5.94
C LEU A 83 3.26 -6.56 5.59
N CYS A 84 2.15 -7.21 5.23
CA CYS A 84 2.18 -8.63 4.85
C CYS A 84 1.01 -8.91 3.94
N THR A 85 1.29 -9.65 2.88
CA THR A 85 0.23 -10.03 1.94
C THR A 85 -0.96 -10.53 2.73
N SER A 86 -2.05 -9.81 2.61
CA SER A 86 -3.25 -10.12 3.35
C SER A 86 -4.10 -11.32 2.94
N ASN A 87 -4.19 -11.61 1.65
CA ASN A 87 -5.05 -12.72 1.18
C ASN A 87 -4.38 -13.51 0.07
N PRO A 88 -3.32 -14.26 0.39
CA PRO A 88 -2.55 -15.06 -0.56
C PRO A 88 -3.30 -16.15 -1.28
N TYR A 89 -3.05 -16.28 -2.58
CA TYR A 89 -3.71 -17.32 -3.39
C TYR A 89 -3.51 -18.67 -2.72
N GLU A 90 -2.32 -18.91 -2.12
CA GLU A 90 -2.04 -20.16 -1.38
C GLU A 90 -2.30 -19.78 0.06
N SER A 91 -3.56 -19.74 0.43
CA SER A 91 -4.01 -19.37 1.78
C SER A 91 -3.16 -19.80 2.99
N GLN A 92 -2.55 -20.98 2.94
CA GLN A 92 -1.75 -21.50 4.06
C GLN A 92 -0.47 -20.76 4.39
N LEU A 93 0.15 -20.15 3.38
CA LEU A 93 1.39 -19.43 3.59
C LEU A 93 1.27 -18.18 4.45
N HIS A 94 0.04 -17.67 4.58
CA HIS A 94 -0.23 -16.44 5.32
C HIS A 94 0.22 -16.40 6.74
N ALA A 95 -0.19 -17.40 7.51
CA ALA A 95 0.15 -17.51 8.93
C ALA A 95 1.66 -17.50 9.19
N GLU A 96 2.42 -18.19 8.35
CA GLU A 96 3.87 -18.18 8.51
C GLU A 96 4.41 -16.80 8.13
N ALA A 97 4.01 -16.32 6.93
CA ALA A 97 4.44 -15.01 6.46
C ALA A 97 4.07 -13.99 7.49
N TYR A 98 2.89 -14.15 8.10
CA TYR A 98 2.42 -13.24 9.14
C TYR A 98 3.25 -13.37 10.43
N GLU A 99 3.59 -14.59 10.86
CA GLU A 99 4.40 -14.76 12.07
C GLU A 99 5.72 -14.03 11.89
N TRP A 100 6.27 -14.11 10.69
CA TRP A 100 7.53 -13.45 10.40
C TRP A 100 7.42 -11.94 10.24
N ALA A 101 6.25 -11.42 9.91
CA ALA A 101 6.07 -9.97 9.79
C ALA A 101 6.07 -9.44 11.22
N LYS A 102 5.41 -10.17 12.10
CA LYS A 102 5.29 -9.77 13.50
C LYS A 102 6.63 -9.86 14.26
N LYS A 103 7.52 -10.76 13.83
CA LYS A 103 8.83 -10.92 14.47
C LYS A 103 9.81 -9.83 14.05
N ILE A 104 9.76 -9.47 12.77
CA ILE A 104 10.60 -8.42 12.23
C ILE A 104 10.19 -7.11 12.92
N SER A 105 8.89 -6.94 13.10
CA SER A 105 8.33 -5.76 13.75
C SER A 105 8.74 -5.64 15.21
N GLU A 106 8.86 -6.76 15.91
CA GLU A 106 9.27 -6.75 17.31
C GLU A 106 10.79 -6.66 17.47
N HIS A 107 11.51 -7.24 16.52
CA HIS A 107 12.96 -7.23 16.55
C HIS A 107 13.47 -5.81 16.33
N LEU A 108 12.83 -5.11 15.40
CA LEU A 108 13.19 -3.74 15.03
C LEU A 108 12.85 -2.66 16.04
N LEU A 109 11.97 -3.01 16.98
CA LEU A 109 11.55 -2.08 18.04
C LEU A 109 12.80 -1.65 18.85
N PRO A 110 12.91 -0.34 19.14
CA PRO A 110 14.05 0.23 19.90
C PRO A 110 14.10 -0.24 21.36
N THR A 137 18.84 2.16 18.19
CA THR A 137 19.58 2.87 17.15
C THR A 137 18.65 3.86 16.43
N TYR A 138 19.09 5.11 16.27
CA TYR A 138 18.29 6.14 15.59
C TYR A 138 18.55 6.13 14.10
N LEU A 139 17.46 6.10 13.34
CA LEU A 139 17.51 6.09 11.90
C LEU A 139 17.44 7.52 11.40
N PRO A 140 18.25 7.86 10.39
CA PRO A 140 18.27 9.22 9.83
C PRO A 140 16.85 9.59 9.43
N ARG A 141 16.22 8.71 8.66
CA ARG A 141 14.86 8.89 8.20
C ARG A 141 14.06 7.67 8.64
N LYS A 142 12.77 7.65 8.31
CA LYS A 142 11.93 6.52 8.67
C LYS A 142 12.06 5.30 7.72
N PHE A 143 11.99 4.09 8.32
CA PHE A 143 12.15 2.82 7.63
C PHE A 143 10.88 2.02 7.45
N LYS A 144 10.62 1.58 6.23
CA LYS A 144 9.42 0.82 5.97
C LYS A 144 9.81 -0.59 5.46
N THR A 145 9.14 -1.61 5.98
CA THR A 145 9.45 -3.00 5.69
C THR A 145 8.19 -3.77 5.37
N THR A 146 8.30 -4.82 4.57
CA THR A 146 7.15 -5.65 4.22
C THR A 146 7.54 -7.12 4.04
N VAL A 147 6.53 -7.99 4.08
CA VAL A 147 6.67 -9.42 3.83
C VAL A 147 5.72 -9.57 2.63
N VAL A 148 6.25 -10.00 1.50
CA VAL A 148 5.47 -10.15 0.26
C VAL A 148 5.32 -11.62 -0.13
N ILE A 149 4.11 -12.03 -0.48
CA ILE A 149 3.87 -13.41 -0.92
C ILE A 149 3.49 -13.36 -2.39
N PRO A 150 4.43 -13.74 -3.29
CA PRO A 150 4.21 -13.75 -4.73
C PRO A 150 2.97 -14.56 -4.99
N PRO A 151 2.26 -14.28 -6.09
CA PRO A 151 2.52 -13.25 -7.08
C PRO A 151 1.75 -11.96 -6.80
N GLN A 152 1.42 -11.75 -5.54
CA GLN A 152 0.71 -10.56 -5.15
C GLN A 152 1.63 -9.49 -4.57
N ASN A 153 1.56 -8.29 -5.13
CA ASN A 153 2.35 -7.17 -4.64
C ASN A 153 1.36 -6.11 -4.09
N ASP A 154 0.37 -6.60 -3.35
CA ASP A 154 -0.66 -5.77 -2.73
C ASP A 154 0.00 -4.75 -1.78
N ILE A 155 1.09 -5.15 -1.16
CA ILE A 155 1.75 -4.24 -0.23
C ILE A 155 2.68 -3.20 -0.87
N ASP A 156 2.69 -3.15 -2.19
CA ASP A 156 3.50 -2.21 -2.96
C ASP A 156 4.94 -2.11 -2.43
N LEU A 157 5.67 -3.21 -2.60
CA LEU A 157 7.05 -3.32 -2.13
C LEU A 157 7.99 -2.24 -2.62
N HIS A 158 7.79 -1.73 -3.83
CA HIS A 158 8.72 -0.70 -4.32
C HIS A 158 8.70 0.65 -3.60
N ALA A 159 7.68 0.84 -2.78
CA ALA A 159 7.61 2.05 -1.99
C ALA A 159 8.40 1.86 -0.69
N ASN A 160 8.95 0.68 -0.46
CA ASN A 160 9.61 0.39 0.83
C ASN A 160 11.10 0.19 0.90
N ASP A 161 11.66 0.51 2.07
CA ASP A 161 13.09 0.38 2.38
C ASP A 161 13.53 -1.09 2.41
N MET A 162 12.82 -1.91 3.18
CA MET A 162 13.18 -3.29 3.33
C MET A 162 12.05 -4.24 2.97
N ASN A 163 12.30 -5.18 2.05
CA ASN A 163 11.30 -6.13 1.63
C ASN A 163 11.79 -7.58 1.63
N PHE A 164 11.01 -8.45 2.30
CA PHE A 164 11.27 -9.87 2.43
C PHE A 164 10.24 -10.58 1.59
N VAL A 165 10.68 -11.03 0.42
CA VAL A 165 9.81 -11.72 -0.53
C VAL A 165 9.92 -13.21 -0.27
N ALA A 166 8.82 -13.78 0.24
CA ALA A 166 8.76 -15.19 0.60
C ALA A 166 8.94 -16.22 -0.52
N ILE A 167 9.76 -17.25 -0.24
CA ILE A 167 9.98 -18.35 -1.19
C ILE A 167 9.50 -19.61 -0.47
N ALA A 168 8.57 -20.34 -1.10
CA ALA A 168 8.05 -21.54 -0.47
C ALA A 168 8.15 -22.78 -1.31
N GLU A 169 8.35 -23.89 -0.60
CA GLU A 169 8.43 -25.21 -1.19
C GLU A 169 7.45 -26.04 -0.40
N ASN A 170 6.69 -26.87 -1.10
CA ASN A 170 5.75 -27.77 -0.46
C ASN A 170 4.95 -27.08 0.64
N GLY A 171 4.36 -25.93 0.28
CA GLY A 171 3.54 -25.18 1.23
C GLY A 171 4.30 -24.68 2.44
N LYS A 172 5.63 -24.76 2.35
CA LYS A 172 6.49 -24.32 3.43
C LYS A 172 7.41 -23.20 2.98
N LEU A 173 7.48 -22.14 3.77
CA LEU A 173 8.39 -21.06 3.46
C LEU A 173 9.80 -21.65 3.65
N VAL A 174 10.75 -21.25 2.83
CA VAL A 174 12.11 -21.77 2.98
C VAL A 174 13.12 -20.65 3.13
N GLY A 175 12.69 -19.43 2.83
CA GLY A 175 13.56 -18.28 2.95
C GLY A 175 12.93 -17.03 2.40
N PHE A 176 13.78 -16.05 2.11
CA PHE A 176 13.30 -14.78 1.59
C PHE A 176 14.24 -14.18 0.57
N ASN A 177 13.67 -13.52 -0.41
CA ASN A 177 14.46 -12.79 -1.39
C ASN A 177 14.47 -11.42 -0.77
N LEU A 178 15.63 -10.80 -0.62
CA LEU A 178 15.67 -9.47 -0.02
C LEU A 178 15.73 -8.34 -1.05
N LEU A 179 14.82 -7.38 -0.91
CA LEU A 179 14.79 -6.20 -1.77
C LEU A 179 14.94 -4.97 -0.87
N VAL A 180 15.89 -4.11 -1.23
CA VAL A 180 16.18 -2.92 -0.45
C VAL A 180 16.22 -1.67 -1.29
N GLY A 181 15.75 -0.56 -0.72
CA GLY A 181 15.82 0.71 -1.42
C GLY A 181 14.66 1.41 -2.07
N GLY A 182 13.43 0.99 -1.80
CA GLY A 182 12.30 1.66 -2.41
C GLY A 182 11.93 2.91 -1.67
N GLY A 183 11.28 3.85 -2.34
CA GLY A 183 10.91 5.08 -1.66
C GLY A 183 10.26 6.03 -2.63
N LEU A 184 9.10 6.57 -2.27
CA LEU A 184 8.34 7.44 -3.18
C LEU A 184 8.39 8.96 -3.10
N SER A 185 8.66 9.46 -1.89
CA SER A 185 8.68 10.88 -1.64
C SER A 185 9.60 11.67 -2.53
N ILE A 186 9.11 12.84 -2.96
CA ILE A 186 9.86 13.78 -3.80
C ILE A 186 9.48 15.20 -3.44
N GLU A 187 10.22 16.15 -3.99
CA GLU A 187 10.00 17.55 -3.73
C GLU A 187 9.78 18.23 -5.08
N HIS A 188 8.70 18.99 -5.23
CA HIS A 188 8.40 19.66 -6.50
C HIS A 188 9.53 20.51 -7.06
N GLY A 189 10.05 20.16 -8.25
CA GLY A 189 11.12 20.94 -8.87
C GLY A 189 12.53 20.75 -8.33
N ASN A 190 12.69 19.88 -7.34
CA ASN A 190 14.00 19.57 -6.76
C ASN A 190 14.51 18.31 -7.47
N LYS A 191 15.40 18.47 -8.44
CA LYS A 191 15.87 17.28 -9.17
C LYS A 191 16.84 16.40 -8.41
N LYS A 192 17.13 16.76 -7.17
CA LYS A 192 18.02 15.98 -6.33
C LYS A 192 17.20 14.95 -5.53
N THR A 193 15.90 15.13 -5.52
CA THR A 193 15.01 14.20 -4.84
C THR A 193 14.39 13.31 -5.93
N TYR A 194 14.06 12.07 -5.59
CA TYR A 194 13.46 11.17 -6.56
C TYR A 194 12.83 9.95 -5.92
N ALA A 195 11.91 9.31 -6.62
CA ALA A 195 11.28 8.08 -6.15
C ALA A 195 12.14 6.96 -6.70
N ARG A 196 12.29 5.88 -5.96
CA ARG A 196 13.12 4.80 -6.45
C ARG A 196 12.48 3.48 -6.17
N THR A 197 12.78 2.48 -6.98
CA THR A 197 12.24 1.13 -6.76
C THR A 197 13.29 0.38 -5.96
N ALA A 198 12.88 -0.64 -5.23
CA ALA A 198 13.83 -1.42 -4.44
C ALA A 198 14.73 -2.30 -5.33
N SER A 199 15.92 -2.60 -4.82
CA SER A 199 16.91 -3.38 -5.55
C SER A 199 17.05 -4.76 -4.91
N GLU A 200 17.30 -5.79 -5.71
CA GLU A 200 17.49 -7.11 -5.18
C GLU A 200 18.89 -7.24 -4.65
N PHE A 201 18.99 -7.90 -3.50
CA PHE A 201 20.24 -8.15 -2.83
C PHE A 201 20.58 -9.62 -2.95
N GLY A 202 19.56 -10.48 -2.94
CA GLY A 202 19.78 -11.91 -3.02
C GLY A 202 18.89 -12.76 -2.11
N TYR A 203 19.08 -14.08 -2.16
CA TYR A 203 18.29 -14.97 -1.33
C TYR A 203 18.96 -15.30 0.00
N LEU A 204 18.13 -15.61 0.99
CA LEU A 204 18.64 -15.97 2.29
C LEU A 204 17.67 -16.95 3.00
N PRO A 205 18.21 -18.01 3.65
CA PRO A 205 17.38 -18.99 4.34
C PRO A 205 16.67 -18.36 5.52
N LEU A 206 15.53 -18.95 5.85
CA LEU A 206 14.68 -18.49 6.93
C LEU A 206 15.42 -18.21 8.21
N GLU A 207 16.44 -19.02 8.51
CA GLU A 207 17.20 -18.86 9.74
C GLU A 207 18.02 -17.57 9.84
N HIS A 208 18.19 -16.86 8.73
CA HIS A 208 18.99 -15.65 8.72
C HIS A 208 18.21 -14.39 8.48
N THR A 209 16.94 -14.43 8.84
CA THR A 209 16.05 -13.33 8.63
C THR A 209 16.28 -12.12 9.57
N LEU A 210 16.22 -12.31 10.88
CA LEU A 210 16.40 -11.19 11.79
C LEU A 210 17.80 -10.53 11.80
N ALA A 211 18.82 -11.34 11.50
CA ALA A 211 20.19 -10.88 11.44
C ALA A 211 20.37 -9.96 10.26
N VAL A 212 19.63 -10.26 9.18
CA VAL A 212 19.67 -9.45 7.98
C VAL A 212 18.87 -8.17 8.17
N ALA A 213 17.66 -8.31 8.69
CA ALA A 213 16.84 -7.13 8.91
C ALA A 213 17.58 -6.13 9.75
N GLU A 214 18.34 -6.63 10.71
CA GLU A 214 19.07 -5.77 11.63
C GLU A 214 20.32 -5.11 11.01
N ALA A 215 21.01 -5.83 10.13
CA ALA A 215 22.21 -5.33 9.44
C ALA A 215 21.82 -4.28 8.39
N VAL A 216 20.68 -4.50 7.73
CA VAL A 216 20.20 -3.53 6.76
C VAL A 216 19.95 -2.24 7.52
N VAL A 217 19.14 -2.32 8.57
CA VAL A 217 18.78 -1.17 9.41
C VAL A 217 19.99 -0.45 9.91
N THR A 218 21.00 -1.20 10.35
CA THR A 218 22.19 -0.60 10.91
C THR A 218 23.14 0.04 9.89
N THR A 219 23.27 -0.57 8.73
CA THR A 219 24.10 -0.03 7.68
C THR A 219 23.41 1.28 7.21
N GLN A 220 22.08 1.35 7.33
CA GLN A 220 21.41 2.59 6.97
C GLN A 220 21.67 3.62 8.07
N ARG A 221 21.52 3.20 9.32
CA ARG A 221 21.72 4.04 10.50
C ARG A 221 23.07 4.73 10.47
N ASP A 222 24.09 3.98 10.08
CA ASP A 222 25.42 4.52 10.03
C ASP A 222 25.68 5.30 8.77
N TRP A 223 25.33 4.73 7.61
CA TRP A 223 25.59 5.36 6.30
C TRP A 223 24.62 6.43 5.79
N GLY A 224 23.49 6.59 6.49
CA GLY A 224 22.53 7.60 6.12
C GLY A 224 23.18 8.96 6.18
N ASN A 225 22.75 9.90 5.34
CA ASN A 225 23.32 11.25 5.29
C ASN A 225 23.24 12.00 6.62
N ARG A 226 24.33 12.66 6.99
CA ARG A 226 24.42 13.41 8.24
C ARG A 226 23.99 14.85 8.24
N THR A 227 24.03 15.50 7.09
CA THR A 227 23.65 16.90 7.01
C THR A 227 22.13 17.07 6.79
N ASP A 228 21.70 16.87 5.55
CA ASP A 228 20.30 17.05 5.19
C ASP A 228 19.45 15.79 5.35
N ARG A 229 18.17 16.01 5.68
CA ARG A 229 17.22 14.94 5.90
C ARG A 229 16.48 14.54 4.62
N LYS A 230 16.65 15.32 3.56
CA LYS A 230 16.01 14.99 2.27
C LYS A 230 16.82 13.96 1.51
N ASN A 231 18.05 13.76 1.92
CA ASN A 231 18.94 12.80 1.27
C ASN A 231 19.23 11.62 2.18
N ALA A 232 18.55 11.58 3.31
CA ALA A 232 18.75 10.53 4.31
C ALA A 232 18.29 9.15 3.87
N LYS A 233 17.13 9.10 3.23
CA LYS A 233 16.53 7.85 2.78
C LYS A 233 17.51 6.79 2.24
N THR A 234 17.16 5.52 2.45
CA THR A 234 17.98 4.39 1.98
C THR A 234 18.18 4.43 0.47
N LYS A 235 17.15 4.86 -0.25
CA LYS A 235 17.22 4.95 -1.71
C LYS A 235 18.36 5.84 -2.15
N TYR A 236 18.68 6.81 -1.29
CA TYR A 236 19.74 7.81 -1.48
C TYR A 236 21.09 7.25 -1.11
N THR A 237 21.16 6.61 0.05
CA THR A 237 22.38 5.98 0.52
C THR A 237 22.89 4.94 -0.50
N LEU A 238 21.98 4.08 -0.98
CA LEU A 238 22.29 3.02 -1.96
C LEU A 238 22.87 3.62 -3.22
N GLU A 239 22.32 4.76 -3.65
CA GLU A 239 22.79 5.41 -4.87
C GLU A 239 24.12 6.11 -4.63
N ARG A 240 24.41 6.45 -3.39
CA ARG A 240 25.64 7.14 -3.06
C ARG A 240 26.83 6.15 -2.90
N VAL A 241 26.60 5.03 -2.21
CA VAL A 241 27.67 4.05 -2.01
C VAL A 241 27.63 2.93 -3.05
N GLY A 242 26.45 2.67 -3.58
CA GLY A 242 26.32 1.62 -4.55
C GLY A 242 25.67 0.41 -3.92
N VAL A 243 24.79 -0.24 -4.67
CA VAL A 243 24.07 -1.42 -4.20
C VAL A 243 24.98 -2.57 -3.77
N GLU A 244 26.07 -2.79 -4.50
CA GLU A 244 26.99 -3.88 -4.16
C GLU A 244 27.76 -3.53 -2.94
N THR A 245 28.07 -2.25 -2.78
CA THR A 245 28.85 -1.82 -1.62
C THR A 245 28.04 -1.98 -0.36
N PHE A 246 26.77 -1.60 -0.45
CA PHE A 246 25.88 -1.67 0.69
C PHE A 246 25.63 -3.15 1.00
N LYS A 247 25.49 -3.94 -0.06
CA LYS A 247 25.23 -5.36 0.06
C LYS A 247 26.30 -6.09 0.81
N ALA A 248 27.57 -5.84 0.46
CA ALA A 248 28.70 -6.46 1.13
C ALA A 248 28.78 -6.10 2.61
N GLU A 249 28.50 -4.85 2.96
CA GLU A 249 28.53 -4.45 4.38
C GLU A 249 27.48 -5.24 5.11
N VAL A 250 26.34 -5.41 4.44
CA VAL A 250 25.23 -6.17 4.99
C VAL A 250 25.67 -7.63 5.20
N GLU A 251 26.30 -8.23 4.20
CA GLU A 251 26.73 -9.63 4.35
C GLU A 251 27.77 -9.72 5.44
N ARG A 252 28.69 -8.77 5.44
CA ARG A 252 29.74 -8.73 6.43
C ARG A 252 29.11 -8.68 7.83
N ARG A 253 28.14 -7.78 8.00
CA ARG A 253 27.48 -7.57 9.30
C ARG A 253 26.56 -8.70 9.75
N ALA A 254 26.01 -9.43 8.80
CA ALA A 254 25.12 -10.54 9.11
C ALA A 254 25.91 -11.81 9.43
N GLY A 255 27.01 -12.00 8.70
CA GLY A 255 27.85 -13.16 8.86
C GLY A 255 27.48 -14.18 7.79
N ILE A 256 26.79 -13.72 6.75
CA ILE A 256 26.36 -14.62 5.68
C ILE A 256 26.75 -14.10 4.30
N LYS A 257 26.50 -14.92 3.28
CA LYS A 257 26.75 -14.55 1.89
C LYS A 257 25.44 -14.93 1.24
N PHE A 258 24.84 -13.95 0.57
CA PHE A 258 23.56 -14.18 -0.06
C PHE A 258 23.64 -15.20 -1.19
N GLU A 259 22.52 -15.86 -1.40
CA GLU A 259 22.41 -16.81 -2.46
C GLU A 259 21.79 -16.04 -3.64
N PRO A 260 21.89 -16.61 -4.84
CA PRO A 260 21.34 -16.00 -6.04
C PRO A 260 19.85 -15.75 -5.80
N ILE A 261 19.27 -14.75 -6.43
CA ILE A 261 17.84 -14.51 -6.22
C ILE A 261 17.03 -15.70 -6.74
N ARG A 262 16.00 -16.07 -5.98
CA ARG A 262 15.10 -17.18 -6.35
C ARG A 262 13.92 -16.63 -7.17
N PRO A 263 13.49 -17.36 -8.22
CA PRO A 263 12.38 -16.96 -9.10
C PRO A 263 11.12 -16.49 -8.39
N TYR A 264 10.59 -15.37 -8.86
CA TYR A 264 9.37 -14.80 -8.29
C TYR A 264 8.82 -13.81 -9.29
N GLU A 265 7.51 -13.69 -9.31
CA GLU A 265 6.84 -12.77 -10.22
C GLU A 265 5.55 -12.27 -9.57
N PHE A 266 5.04 -11.13 -10.01
CA PHE A 266 3.79 -10.66 -9.43
C PHE A 266 2.80 -10.54 -10.57
N THR A 267 1.53 -10.82 -10.28
CA THR A 267 0.48 -10.73 -11.27
C THR A 267 -0.44 -9.56 -11.02
N GLY A 268 -0.38 -8.99 -9.81
CA GLY A 268 -1.24 -7.85 -9.50
C GLY A 268 -1.01 -7.19 -8.16
N ARG A 269 -1.79 -6.16 -7.85
CA ARG A 269 -1.66 -5.44 -6.57
C ARG A 269 -3.03 -5.24 -5.94
N GLY A 270 -4.07 -5.73 -6.61
CA GLY A 270 -5.41 -5.57 -6.08
C GLY A 270 -5.88 -6.56 -5.04
N ASP A 271 -6.97 -6.19 -4.36
CA ASP A 271 -7.56 -7.05 -3.32
C ASP A 271 -8.55 -8.02 -3.99
N ARG A 272 -8.93 -9.10 -3.31
CA ARG A 272 -9.84 -10.02 -3.95
C ARG A 272 -11.21 -9.72 -3.37
N ILE A 273 -11.84 -8.69 -3.95
CA ILE A 273 -13.13 -8.24 -3.47
C ILE A 273 -14.15 -9.35 -3.62
N GLY A 274 -14.92 -9.54 -2.57
CA GLY A 274 -15.90 -10.60 -2.54
C GLY A 274 -15.35 -11.73 -1.69
N TRP A 275 -15.97 -12.90 -1.79
CA TRP A 275 -15.57 -14.13 -1.07
C TRP A 275 -14.51 -14.98 -1.78
N VAL A 276 -13.63 -15.64 -1.01
CA VAL A 276 -12.61 -16.55 -1.56
C VAL A 276 -12.43 -17.73 -0.59
N LYS A 277 -12.12 -18.89 -1.14
CA LYS A 277 -11.92 -20.09 -0.35
C LYS A 277 -10.60 -19.96 0.40
N GLY A 278 -10.65 -20.16 1.71
CA GLY A 278 -9.44 -20.07 2.52
C GLY A 278 -8.88 -21.46 2.76
N ILE A 279 -8.69 -21.85 4.02
CA ILE A 279 -8.18 -23.18 4.37
C ILE A 279 -9.21 -23.95 5.19
N ASP A 280 -9.40 -25.22 4.86
CA ASP A 280 -10.40 -26.08 5.51
C ASP A 280 -11.74 -25.55 5.03
N ASP A 281 -12.72 -25.38 5.92
CA ASP A 281 -14.01 -24.84 5.49
C ASP A 281 -14.07 -23.30 5.61
N ASN A 282 -12.91 -22.70 5.89
CA ASN A 282 -12.79 -21.24 6.03
C ASN A 282 -12.97 -20.49 4.70
N TRP A 283 -13.65 -19.35 4.79
CA TRP A 283 -13.94 -18.47 3.66
C TRP A 283 -13.50 -17.06 4.01
N HIS A 284 -13.17 -16.26 3.00
CA HIS A 284 -12.73 -14.88 3.21
C HIS A 284 -13.56 -13.88 2.43
N LEU A 285 -14.09 -12.89 3.13
CA LEU A 285 -14.89 -11.85 2.52
C LEU A 285 -14.16 -10.54 2.65
N THR A 286 -13.72 -10.04 1.50
CA THR A 286 -13.00 -8.79 1.39
C THR A 286 -13.98 -7.71 0.97
N LEU A 287 -14.20 -6.75 1.86
CA LEU A 287 -15.11 -5.65 1.62
C LEU A 287 -14.37 -4.39 1.13
N PHE A 288 -14.83 -3.84 0.01
CA PHE A 288 -14.29 -2.62 -0.56
C PHE A 288 -14.80 -1.49 0.28
N ILE A 289 -13.89 -0.58 0.65
CA ILE A 289 -14.24 0.57 1.48
C ILE A 289 -13.52 1.75 0.84
N GLU A 290 -14.31 2.64 0.21
CA GLU A 290 -13.80 3.82 -0.47
C GLU A 290 -12.99 4.67 0.51
N ASN A 291 -11.75 4.90 0.13
CA ASN A 291 -10.82 5.66 0.95
C ASN A 291 -10.63 5.09 2.34
N GLY A 292 -11.18 3.89 2.57
CA GLY A 292 -11.06 3.26 3.86
C GLY A 292 -11.67 4.07 4.95
N ARG A 293 -12.50 5.05 4.60
CA ARG A 293 -13.15 5.86 5.62
C ARG A 293 -14.41 5.12 6.13
N ILE A 294 -14.34 4.66 7.37
CA ILE A 294 -15.45 3.94 7.99
C ILE A 294 -16.32 4.84 8.87
N LEU A 295 -17.53 5.07 8.42
CA LEU A 295 -18.46 5.92 9.14
C LEU A 295 -19.86 5.56 8.65
N ASP A 296 -20.86 5.87 9.47
CA ASP A 296 -22.23 5.61 9.07
C ASP A 296 -22.67 6.76 8.23
N TYR A 297 -23.30 6.45 7.12
CA TYR A 297 -23.75 7.43 6.19
C TYR A 297 -25.22 7.28 5.98
N PRO A 298 -25.84 8.31 5.43
CA PRO A 298 -27.28 8.28 5.15
C PRO A 298 -27.55 7.03 4.33
N ALA A 299 -28.32 6.10 4.89
CA ALA A 299 -28.64 4.84 4.24
C ALA A 299 -27.46 3.88 4.09
N ARG A 300 -26.31 4.22 4.67
CA ARG A 300 -25.16 3.33 4.57
C ARG A 300 -24.38 3.25 5.88
N PRO A 301 -24.93 2.51 6.85
CA PRO A 301 -24.31 2.33 8.17
C PRO A 301 -23.05 1.47 8.10
N LEU A 302 -22.04 1.96 7.39
CA LEU A 302 -20.77 1.24 7.24
C LEU A 302 -20.14 0.90 8.57
N LYS A 303 -20.09 1.88 9.48
CA LYS A 303 -19.50 1.67 10.80
C LYS A 303 -20.30 0.70 11.67
N THR A 304 -21.61 0.83 11.70
CA THR A 304 -22.44 -0.06 12.48
C THR A 304 -22.39 -1.45 11.85
N GLY A 305 -22.39 -1.52 10.53
CA GLY A 305 -22.30 -2.80 9.86
C GLY A 305 -21.10 -3.58 10.35
N LEU A 306 -19.99 -2.86 10.50
CA LEU A 306 -18.75 -3.45 10.98
C LEU A 306 -18.80 -3.90 12.44
N LEU A 307 -19.49 -3.15 13.30
CA LEU A 307 -19.56 -3.55 14.70
C LEU A 307 -20.48 -4.74 14.86
N GLU A 308 -21.51 -4.78 14.03
CA GLU A 308 -22.46 -5.89 14.03
C GLU A 308 -21.82 -7.16 13.50
N ILE A 309 -20.91 -6.99 12.53
CA ILE A 309 -20.17 -8.11 11.95
C ILE A 309 -19.13 -8.58 12.95
N ALA A 310 -18.46 -7.63 13.59
CA ALA A 310 -17.42 -7.92 14.57
C ALA A 310 -17.98 -8.70 15.75
N LYS A 311 -19.24 -8.47 16.09
CA LYS A 311 -19.85 -9.17 17.21
C LYS A 311 -20.09 -10.65 16.98
N ILE A 312 -20.37 -11.03 15.73
CA ILE A 312 -20.65 -12.42 15.40
C ILE A 312 -19.49 -13.18 14.76
N HIS A 313 -18.55 -12.44 14.19
CA HIS A 313 -17.41 -13.02 13.50
C HIS A 313 -16.52 -13.85 14.42
N LYS A 314 -16.25 -15.07 13.96
CA LYS A 314 -15.47 -16.04 14.72
C LYS A 314 -13.94 -15.87 14.69
N GLY A 315 -13.43 -15.30 13.60
CA GLY A 315 -12.01 -15.08 13.46
C GLY A 315 -11.74 -13.60 13.59
N ASP A 316 -10.72 -13.13 12.89
CA ASP A 316 -10.35 -11.73 12.93
C ASP A 316 -10.57 -11.01 11.60
N PHE A 317 -10.03 -9.80 11.50
CA PHE A 317 -10.13 -8.99 10.29
C PHE A 317 -8.72 -8.66 9.88
N ARG A 318 -8.58 -8.29 8.61
CA ARG A 318 -7.26 -7.89 8.11
C ARG A 318 -7.39 -6.57 7.34
N ILE A 319 -6.61 -5.56 7.70
CA ILE A 319 -6.66 -4.32 6.95
C ILE A 319 -5.69 -4.46 5.75
N THR A 320 -6.19 -4.32 4.53
CA THR A 320 -5.34 -4.46 3.38
C THR A 320 -4.46 -3.24 3.07
N ALA A 321 -3.54 -3.44 2.15
CA ALA A 321 -2.64 -2.39 1.72
C ALA A 321 -3.40 -1.48 0.75
N ASN A 322 -4.66 -1.83 0.44
CA ASN A 322 -5.51 -1.05 -0.43
C ASN A 322 -6.65 -0.37 0.32
N GLN A 323 -6.44 -0.16 1.61
CA GLN A 323 -7.43 0.52 2.46
C GLN A 323 -8.78 -0.18 2.58
N ASN A 324 -8.81 -1.50 2.38
CA ASN A 324 -10.06 -2.27 2.47
C ASN A 324 -9.97 -3.19 3.68
N LEU A 325 -10.97 -4.02 3.89
CA LEU A 325 -10.97 -4.90 5.06
C LEU A 325 -11.44 -6.30 4.70
N ILE A 326 -10.72 -7.30 5.23
CA ILE A 326 -11.08 -8.67 5.00
C ILE A 326 -11.64 -9.26 6.29
N ILE A 327 -12.76 -9.97 6.17
CA ILE A 327 -13.36 -10.67 7.30
C ILE A 327 -12.79 -12.11 7.13
N ALA A 328 -11.75 -12.40 7.92
CA ALA A 328 -11.05 -13.68 7.87
C ALA A 328 -11.51 -14.81 8.79
N GLY A 329 -11.40 -16.01 8.25
CA GLY A 329 -11.76 -17.20 8.99
C GLY A 329 -13.25 -17.39 9.10
N VAL A 330 -13.99 -17.23 8.01
CA VAL A 330 -15.42 -17.43 8.07
C VAL A 330 -15.75 -18.89 7.74
N PRO A 331 -16.29 -19.61 8.72
CA PRO A 331 -16.65 -21.02 8.45
C PRO A 331 -17.74 -21.01 7.40
N GLU A 332 -17.77 -22.00 6.53
CA GLU A 332 -18.80 -22.03 5.50
C GLU A 332 -20.22 -21.87 6.08
N SER A 333 -20.41 -22.37 7.29
CA SER A 333 -21.71 -22.27 7.97
C SER A 333 -22.21 -20.83 8.17
N GLU A 334 -21.28 -19.96 8.57
CA GLU A 334 -21.59 -18.55 8.86
C GLU A 334 -21.68 -17.57 7.70
N LYS A 335 -21.35 -17.97 6.50
CA LYS A 335 -21.39 -17.05 5.37
C LYS A 335 -22.70 -16.26 5.18
N ALA A 336 -23.84 -16.94 5.29
CA ALA A 336 -25.16 -16.32 5.15
C ALA A 336 -25.31 -15.18 6.14
N LYS A 337 -25.00 -15.44 7.40
CA LYS A 337 -25.07 -14.47 8.48
C LYS A 337 -24.23 -13.22 8.16
N ILE A 338 -22.93 -13.43 7.92
CA ILE A 338 -21.97 -12.36 7.64
C ILE A 338 -22.33 -11.52 6.43
N GLU A 339 -22.67 -12.19 5.34
CA GLU A 339 -23.03 -11.52 4.09
C GLU A 339 -24.29 -10.66 4.20
N LYS A 340 -25.28 -11.16 4.93
CA LYS A 340 -26.53 -10.43 5.09
C LYS A 340 -26.24 -9.07 5.71
N ILE A 341 -25.51 -9.05 6.83
CA ILE A 341 -25.15 -7.81 7.53
C ILE A 341 -24.40 -6.81 6.63
N ALA A 342 -23.39 -7.27 5.88
CA ALA A 342 -22.61 -6.41 4.99
C ALA A 342 -23.51 -5.87 3.90
N LYS A 343 -24.43 -6.71 3.43
CA LYS A 343 -25.39 -6.34 2.39
C LYS A 343 -26.30 -5.23 2.92
N GLU A 344 -26.76 -5.43 4.15
CA GLU A 344 -27.63 -4.48 4.88
C GLU A 344 -27.02 -3.11 5.03
N SER A 345 -25.79 -3.10 5.52
CA SER A 345 -25.03 -1.90 5.80
C SER A 345 -24.46 -1.11 4.59
N GLY A 346 -24.49 -1.72 3.41
CA GLY A 346 -23.96 -1.04 2.24
C GLY A 346 -22.46 -1.20 2.18
N LEU A 347 -21.96 -2.35 2.66
CA LEU A 347 -20.54 -2.67 2.65
C LEU A 347 -20.17 -3.51 1.42
N MET A 348 -21.16 -4.08 0.74
CA MET A 348 -20.90 -4.91 -0.46
C MET A 348 -21.46 -4.28 -1.72
N ASN A 349 -21.61 -2.98 -1.70
CA ASN A 349 -22.14 -2.28 -2.86
C ASN A 349 -21.21 -2.40 -4.04
N ALA A 350 -21.73 -2.94 -5.13
CA ALA A 350 -20.95 -3.12 -6.35
C ALA A 350 -20.42 -1.78 -6.89
N VAL A 351 -19.17 -1.82 -7.31
CA VAL A 351 -18.46 -0.68 -7.86
C VAL A 351 -17.66 -1.29 -9.02
N THR A 352 -17.31 -0.46 -9.98
CA THR A 352 -16.57 -0.94 -11.14
C THR A 352 -15.16 -1.42 -10.78
N PRO A 353 -14.56 -2.25 -11.66
CA PRO A 353 -13.21 -2.74 -11.39
C PRO A 353 -12.27 -1.52 -11.21
N GLN A 354 -12.54 -0.45 -11.95
CA GLN A 354 -11.75 0.77 -11.89
C GLN A 354 -11.66 1.34 -10.48
N ARG A 355 -12.81 1.62 -9.89
CA ARG A 355 -12.87 2.14 -8.55
C ARG A 355 -12.23 1.17 -7.54
N GLU A 356 -12.23 -0.13 -7.85
CA GLU A 356 -11.63 -1.12 -6.95
C GLU A 356 -10.15 -0.99 -6.99
N ASN A 357 -9.63 -0.51 -8.09
CA ASN A 357 -8.19 -0.37 -8.21
C ASN A 357 -7.64 1.05 -8.17
N SER A 358 -8.36 1.95 -7.48
CA SER A 358 -7.99 3.37 -7.36
C SER A 358 -7.71 3.71 -5.90
N MET A 359 -6.80 4.63 -5.65
CA MET A 359 -6.48 5.00 -4.27
C MET A 359 -6.00 6.45 -4.13
N ALA A 360 -6.22 7.05 -2.97
CA ALA A 360 -5.83 8.43 -2.72
C ALA A 360 -5.46 8.52 -1.24
N CYS A 361 -4.55 9.44 -0.93
CA CYS A 361 -4.09 9.65 0.45
C CYS A 361 -5.15 10.43 1.26
N VAL A 362 -4.95 10.59 2.56
CA VAL A 362 -5.91 11.35 3.37
C VAL A 362 -6.04 12.78 2.87
N SER A 363 -4.94 13.53 2.91
CA SER A 363 -4.94 14.93 2.46
C SER A 363 -5.90 15.80 3.33
N PHE A 364 -6.52 16.80 2.71
CA PHE A 364 -7.47 17.67 3.39
C PHE A 364 -8.62 16.79 3.87
N PRO A 365 -9.26 17.16 4.99
CA PRO A 365 -8.97 18.31 5.83
C PRO A 365 -7.96 18.14 6.96
N THR A 366 -7.56 16.92 7.26
CA THR A 366 -6.65 16.70 8.39
C THR A 366 -5.15 16.89 8.20
N CYS A 367 -4.63 16.60 7.00
CA CYS A 367 -3.21 16.71 6.76
C CYS A 367 -2.71 18.14 6.59
N PRO A 368 -1.77 18.53 7.45
CA PRO A 368 -1.23 19.88 7.37
C PRO A 368 -0.24 20.10 6.23
N LEU A 369 0.03 19.04 5.48
CA LEU A 369 0.99 19.17 4.39
C LEU A 369 0.29 19.14 3.08
N ALA A 370 -1.01 18.90 3.08
CA ALA A 370 -1.74 18.81 1.83
C ALA A 370 -1.70 20.05 0.94
N MET A 371 -1.71 19.83 -0.37
CA MET A 371 -1.68 20.91 -1.36
C MET A 371 -2.96 20.90 -2.20
N ALA A 372 -3.52 19.71 -2.37
CA ALA A 372 -4.73 19.51 -3.17
C ALA A 372 -5.47 18.32 -2.56
N GLU A 373 -6.79 18.31 -2.69
CA GLU A 373 -7.59 17.21 -2.16
C GLU A 373 -7.14 15.86 -2.74
N ALA A 374 -7.43 14.80 -2.01
CA ALA A 374 -7.09 13.44 -2.42
C ALA A 374 -8.26 12.52 -2.12
N GLU A 375 -8.45 12.18 -0.85
CA GLU A 375 -9.55 11.32 -0.44
C GLU A 375 -10.90 11.94 -0.83
N ARG A 376 -11.05 13.23 -0.54
CA ARG A 376 -12.29 13.92 -0.86
C ARG A 376 -12.47 14.21 -2.34
N PHE A 377 -11.44 14.01 -3.16
CA PHE A 377 -11.54 14.29 -4.59
C PHE A 377 -11.75 13.02 -5.41
N LEU A 378 -11.22 11.92 -4.93
CA LEU A 378 -11.28 10.67 -5.64
C LEU A 378 -12.62 10.07 -6.11
N PRO A 379 -13.65 10.01 -5.23
CA PRO A 379 -14.93 9.42 -5.65
C PRO A 379 -15.51 10.04 -6.92
N SER A 380 -15.62 11.36 -6.90
CA SER A 380 -16.15 12.16 -7.99
C SER A 380 -15.33 12.00 -9.25
N PHE A 381 -14.03 11.95 -9.04
CA PHE A 381 -13.07 11.78 -10.10
C PHE A 381 -13.21 10.38 -10.70
N ILE A 382 -13.42 9.37 -9.86
CA ILE A 382 -13.57 8.03 -10.39
C ILE A 382 -14.90 7.90 -11.11
N ASP A 383 -15.87 8.74 -10.75
CA ASP A 383 -17.18 8.75 -11.42
C ASP A 383 -16.92 9.21 -12.83
N ASN A 384 -16.19 10.31 -12.90
CA ASN A 384 -15.81 10.90 -14.17
C ASN A 384 -14.99 9.90 -15.01
N ILE A 385 -14.13 9.10 -14.36
CA ILE A 385 -13.30 8.09 -15.03
C ILE A 385 -14.10 6.90 -15.52
N ASP A 386 -15.05 6.45 -14.69
CA ASP A 386 -15.92 5.33 -15.02
C ASP A 386 -16.65 5.69 -16.33
N ASN A 387 -17.22 6.88 -16.37
CA ASN A 387 -17.95 7.38 -17.57
C ASN A 387 -17.05 7.26 -18.82
N LEU A 388 -15.82 7.75 -18.70
CA LEU A 388 -14.87 7.68 -19.81
C LEU A 388 -14.53 6.24 -20.19
N MET A 389 -14.40 5.34 -19.21
CA MET A 389 -14.10 3.92 -19.49
C MET A 389 -15.27 3.27 -20.24
N ALA A 390 -16.49 3.65 -19.87
CA ALA A 390 -17.73 3.14 -20.50
C ALA A 390 -17.84 3.69 -21.92
N LYS A 391 -17.37 4.92 -22.09
CA LYS A 391 -17.38 5.63 -23.37
C LYS A 391 -16.48 4.90 -24.36
N HIS A 392 -15.49 4.19 -23.85
CA HIS A 392 -14.57 3.49 -24.71
C HIS A 392 -14.68 1.98 -24.72
N GLY A 393 -15.74 1.46 -24.12
CA GLY A 393 -15.91 0.01 -24.08
C GLY A 393 -14.87 -0.70 -23.23
N VAL A 394 -14.40 -0.01 -22.18
CA VAL A 394 -13.41 -0.60 -21.28
C VAL A 394 -13.90 -0.66 -19.83
N SER A 395 -15.21 -0.58 -19.66
CA SER A 395 -15.84 -0.62 -18.34
C SER A 395 -15.43 -1.81 -17.49
N ASP A 396 -15.18 -2.98 -18.11
CA ASP A 396 -14.78 -4.16 -17.36
C ASP A 396 -13.30 -4.17 -17.03
N GLU A 397 -12.58 -3.18 -17.53
CA GLU A 397 -11.14 -3.05 -17.32
C GLU A 397 -10.74 -2.17 -16.11
N HIS A 398 -9.46 -1.99 -15.90
CA HIS A 398 -9.05 -1.11 -14.82
C HIS A 398 -7.69 -0.57 -15.16
N ILE A 399 -7.40 0.59 -14.58
CA ILE A 399 -6.12 1.29 -14.72
C ILE A 399 -5.72 1.59 -13.28
N VAL A 400 -4.48 1.28 -12.90
CA VAL A 400 -4.07 1.57 -11.52
C VAL A 400 -3.93 3.08 -11.39
N MET A 401 -4.94 3.71 -10.78
CA MET A 401 -5.01 5.17 -10.67
C MET A 401 -5.00 5.72 -9.25
N ARG A 402 -3.98 6.51 -8.93
CA ARG A 402 -3.86 7.03 -7.60
C ARG A 402 -3.67 8.52 -7.53
N VAL A 403 -4.18 9.08 -6.44
CA VAL A 403 -4.13 10.51 -6.21
C VAL A 403 -3.42 10.82 -4.92
N THR A 404 -2.28 11.48 -5.04
CA THR A 404 -1.54 11.85 -3.85
C THR A 404 -1.68 13.37 -3.63
N GLY A 405 -2.07 13.73 -2.42
CA GLY A 405 -2.30 15.12 -2.04
C GLY A 405 -1.18 16.11 -2.23
N CYS A 406 0.02 15.71 -1.85
CA CYS A 406 1.20 16.54 -1.99
C CYS A 406 2.32 15.59 -2.42
N PRO A 407 3.49 16.15 -2.76
CA PRO A 407 4.61 15.28 -3.18
C PRO A 407 5.23 14.32 -2.19
N ASN A 408 4.76 14.29 -0.95
CA ASN A 408 5.30 13.36 0.02
C ASN A 408 5.01 11.94 -0.47
N GLY A 409 3.93 11.79 -1.24
CA GLY A 409 3.62 10.49 -1.84
C GLY A 409 2.89 9.37 -1.10
N CYS A 410 2.18 9.71 -0.05
CA CYS A 410 1.42 8.73 0.77
C CYS A 410 0.39 7.92 -0.03
N GLY A 411 -0.06 8.48 -1.16
CA GLY A 411 -1.04 7.84 -2.01
C GLY A 411 -0.45 6.83 -3.00
N ARG A 412 0.88 6.75 -2.98
CA ARG A 412 1.65 5.82 -3.82
C ARG A 412 1.38 5.98 -5.29
N ALA A 413 1.10 7.22 -5.66
CA ALA A 413 0.86 7.56 -7.04
C ALA A 413 2.13 7.35 -7.85
N MET A 414 3.30 7.40 -7.19
CA MET A 414 4.57 7.21 -7.89
C MET A 414 4.85 5.78 -8.35
N LEU A 415 3.95 4.86 -8.02
CA LEU A 415 4.04 3.46 -8.46
C LEU A 415 2.75 3.14 -9.28
N ALA A 416 2.00 4.19 -9.61
CA ALA A 416 0.75 4.08 -10.36
C ALA A 416 0.91 4.19 -11.86
N GLU A 417 0.06 3.46 -12.59
CA GLU A 417 0.04 3.49 -14.06
C GLU A 417 -0.30 4.93 -14.43
N VAL A 418 -1.20 5.52 -13.65
CA VAL A 418 -1.63 6.90 -13.81
C VAL A 418 -1.66 7.57 -12.44
N GLY A 419 -0.72 8.48 -12.22
CA GLY A 419 -0.68 9.17 -10.94
C GLY A 419 -1.03 10.63 -10.98
N LEU A 420 -1.60 11.10 -9.89
CA LEU A 420 -2.01 12.48 -9.77
C LEU A 420 -1.26 12.97 -8.57
N VAL A 421 -0.42 13.97 -8.80
CA VAL A 421 0.40 14.56 -7.74
C VAL A 421 0.04 15.99 -7.41
N GLY A 422 -0.59 16.21 -6.26
CA GLY A 422 -1.00 17.53 -5.83
C GLY A 422 0.04 18.63 -5.80
N LYS A 423 -0.31 19.74 -6.46
CA LYS A 423 0.57 20.89 -6.55
C LYS A 423 -0.07 22.16 -6.00
N ALA A 424 -1.38 22.30 -6.14
CA ALA A 424 -2.08 23.48 -5.65
C ALA A 424 -3.58 23.19 -5.60
N PRO A 425 -4.38 24.09 -4.98
CA PRO A 425 -5.83 23.87 -4.89
C PRO A 425 -6.41 23.54 -6.27
N GLY A 426 -6.94 22.33 -6.45
CA GLY A 426 -7.49 21.94 -7.75
C GLY A 426 -6.47 21.63 -8.85
N ARG A 427 -5.18 21.75 -8.53
CA ARG A 427 -4.10 21.54 -9.49
C ARG A 427 -3.18 20.31 -9.19
N TYR A 428 -2.91 19.51 -10.22
CA TYR A 428 -2.07 18.32 -10.07
C TYR A 428 -1.12 18.10 -11.23
N ASN A 429 -0.06 17.32 -10.97
CA ASN A 429 0.91 16.92 -11.98
C ASN A 429 0.38 15.55 -12.42
N LEU A 430 0.23 15.34 -13.71
CA LEU A 430 -0.24 14.06 -14.19
C LEU A 430 0.93 13.21 -14.65
N HIS A 431 1.05 12.02 -14.06
CA HIS A 431 2.12 11.10 -14.45
C HIS A 431 1.47 9.92 -15.16
N LEU A 432 2.22 9.30 -16.07
CA LEU A 432 1.75 8.14 -16.82
C LEU A 432 2.95 7.20 -17.07
N GLY A 433 2.65 5.95 -17.37
CA GLY A 433 3.69 4.99 -17.68
C GLY A 433 4.10 3.96 -16.66
N GLY A 434 3.34 3.79 -15.59
CA GLY A 434 3.72 2.76 -14.63
C GLY A 434 3.06 1.47 -15.11
N ASN A 435 3.14 0.38 -14.35
CA ASN A 435 2.46 -0.85 -14.77
C ASN A 435 1.52 -1.37 -13.70
N ARG A 436 0.79 -2.43 -14.02
CA ARG A 436 -0.14 -3.01 -13.05
C ARG A 436 0.49 -3.59 -11.79
N ILE A 437 1.69 -4.16 -11.91
CA ILE A 437 2.32 -4.79 -10.76
C ILE A 437 3.10 -3.84 -9.86
N GLY A 438 3.45 -2.66 -10.39
CA GLY A 438 4.15 -1.66 -9.58
C GLY A 438 5.66 -1.71 -9.49
N THR A 439 6.32 -1.92 -10.62
CA THR A 439 7.77 -1.97 -10.69
C THR A 439 8.31 -0.81 -11.54
N ARG A 440 7.44 0.09 -11.98
CA ARG A 440 7.89 1.20 -12.80
C ARG A 440 7.34 2.53 -12.27
N ILE A 441 8.22 3.51 -12.19
CA ILE A 441 7.87 4.84 -11.70
C ILE A 441 7.37 5.65 -12.92
N PRO A 442 6.16 6.22 -12.84
CA PRO A 442 5.60 7.02 -13.95
C PRO A 442 6.22 8.42 -14.12
N ARG A 443 6.68 8.73 -15.32
CA ARG A 443 7.26 10.04 -15.62
C ARG A 443 6.12 11.06 -15.66
N MET A 444 6.42 12.30 -15.32
CA MET A 444 5.43 13.35 -15.37
C MET A 444 5.12 13.61 -16.84
N TYR A 445 3.84 13.59 -17.14
CA TYR A 445 3.35 13.83 -18.48
C TYR A 445 2.91 15.30 -18.66
N LYS A 446 2.21 15.82 -17.66
CA LYS A 446 1.71 17.22 -17.63
C LYS A 446 1.81 17.71 -16.20
N GLU A 447 2.02 19.00 -16.09
CA GLU A 447 2.24 19.63 -14.79
C GLU A 447 1.28 20.78 -14.48
N ASN A 448 0.87 20.87 -13.22
CA ASN A 448 0.01 21.95 -12.69
C ASN A 448 -1.34 22.18 -13.41
N ILE A 449 -1.97 21.11 -13.86
CA ILE A 449 -3.24 21.19 -14.56
C ILE A 449 -4.43 20.87 -13.62
N THR A 450 -5.63 21.18 -14.09
CA THR A 450 -6.86 20.99 -13.34
C THR A 450 -7.63 19.72 -13.73
N GLU A 451 -8.63 19.35 -12.94
CA GLU A 451 -9.44 18.16 -13.24
C GLU A 451 -9.97 18.11 -14.67
N PRO A 452 -10.60 19.22 -15.14
CA PRO A 452 -11.12 19.23 -16.52
C PRO A 452 -10.00 18.95 -17.54
N GLU A 453 -8.83 19.55 -17.32
CA GLU A 453 -7.69 19.35 -18.23
C GLU A 453 -7.21 17.90 -18.10
N ILE A 454 -7.18 17.40 -16.87
CA ILE A 454 -6.77 16.03 -16.60
C ILE A 454 -7.69 15.05 -17.32
N LEU A 455 -8.99 15.26 -17.14
CA LEU A 455 -10.01 14.41 -17.75
C LEU A 455 -9.89 14.32 -19.26
N ALA A 456 -9.63 15.47 -19.90
CA ALA A 456 -9.48 15.57 -21.35
C ALA A 456 -8.25 14.83 -21.86
N SER A 457 -7.18 14.85 -21.09
CA SER A 457 -5.97 14.16 -21.47
C SER A 457 -6.21 12.64 -21.42
N LEU A 458 -6.89 12.18 -20.39
CA LEU A 458 -7.17 10.75 -20.24
C LEU A 458 -8.22 10.26 -21.24
N ASP A 459 -9.22 11.09 -21.54
CA ASP A 459 -10.26 10.72 -22.50
C ASP A 459 -9.58 10.33 -23.81
N GLU A 460 -8.63 11.16 -24.20
CA GLU A 460 -7.88 10.99 -25.43
C GLU A 460 -7.09 9.68 -25.44
N LEU A 461 -6.20 9.52 -24.47
CA LEU A 461 -5.39 8.31 -24.42
C LEU A 461 -6.13 7.02 -24.08
N ILE A 462 -7.14 7.06 -23.21
CA ILE A 462 -7.90 5.86 -22.91
C ILE A 462 -8.54 5.36 -24.22
N GLY A 463 -8.91 6.33 -25.06
CA GLY A 463 -9.50 6.00 -26.34
C GLY A 463 -8.44 5.29 -27.16
N ARG A 464 -7.26 5.89 -27.26
CA ARG A 464 -6.14 5.28 -28.02
C ARG A 464 -5.95 3.82 -27.61
N TRP A 465 -5.70 3.63 -26.32
CA TRP A 465 -5.48 2.32 -25.71
C TRP A 465 -6.59 1.31 -26.01
N ALA A 466 -7.84 1.75 -25.92
CA ALA A 466 -9.01 0.91 -26.16
C ALA A 466 -9.12 0.32 -27.57
N LYS A 467 -8.61 1.07 -28.56
CA LYS A 467 -8.65 0.65 -29.96
C LYS A 467 -7.32 0.08 -30.46
N GLU A 468 -6.22 0.46 -29.81
CA GLU A 468 -4.88 0.06 -30.23
C GLU A 468 -4.09 -0.90 -29.35
N ARG A 469 -4.54 -1.17 -28.14
CA ARG A 469 -3.77 -2.04 -27.27
C ARG A 469 -3.77 -3.47 -27.79
N GLU A 470 -2.85 -4.28 -27.29
CA GLU A 470 -2.79 -5.67 -27.69
C GLU A 470 -3.60 -6.48 -26.68
N ALA A 471 -3.53 -7.80 -26.85
CA ALA A 471 -4.23 -8.76 -26.01
C ALA A 471 -3.86 -8.58 -24.53
N GLY A 472 -4.84 -8.14 -23.73
CA GLY A 472 -4.62 -7.95 -22.30
C GLY A 472 -3.50 -6.98 -21.92
N GLU A 473 -3.30 -5.97 -22.77
CA GLU A 473 -2.28 -4.98 -22.53
C GLU A 473 -2.69 -3.83 -21.62
N GLY A 474 -2.13 -3.81 -20.41
CA GLY A 474 -2.41 -2.74 -19.48
C GLY A 474 -2.09 -1.34 -20.02
N PHE A 475 -2.77 -0.35 -19.45
CA PHE A 475 -2.64 1.04 -19.82
C PHE A 475 -1.21 1.60 -19.82
N GLY A 476 -0.59 1.56 -18.65
CA GLY A 476 0.76 2.07 -18.52
C GLY A 476 1.68 1.46 -19.54
N ASP A 477 1.54 0.17 -19.79
CA ASP A 477 2.41 -0.46 -20.77
C ASP A 477 2.22 0.15 -22.15
N PHE A 478 0.96 0.28 -22.57
CA PHE A 478 0.62 0.86 -23.86
C PHE A 478 1.16 2.28 -24.03
N THR A 479 1.12 3.09 -22.97
CA THR A 479 1.61 4.46 -23.11
C THR A 479 3.13 4.47 -23.28
N VAL A 480 3.76 3.40 -22.84
CA VAL A 480 5.20 3.26 -22.98
C VAL A 480 5.51 2.68 -24.37
N ARG A 481 4.68 1.74 -24.82
CA ARG A 481 4.85 1.13 -26.13
C ARG A 481 4.46 2.04 -27.30
N ALA A 482 3.38 2.81 -27.12
CA ALA A 482 2.87 3.72 -28.15
C ALA A 482 3.62 5.07 -28.32
N GLY A 483 4.58 5.34 -27.44
CA GLY A 483 5.35 6.57 -27.53
C GLY A 483 4.70 7.77 -26.85
N ILE A 484 3.66 7.53 -26.06
CA ILE A 484 2.97 8.59 -25.36
C ILE A 484 3.86 9.20 -24.28
N ILE A 485 4.70 8.37 -23.68
CA ILE A 485 5.66 8.81 -22.66
C ILE A 485 6.89 7.89 -22.59
N ARG A 486 8.05 8.49 -22.42
CA ARG A 486 9.27 7.71 -22.29
C ARG A 486 9.21 7.01 -20.94
N PRO A 487 9.84 5.84 -20.82
CA PRO A 487 9.79 5.17 -19.53
C PRO A 487 10.94 5.64 -18.61
N VAL A 488 10.73 5.57 -17.31
CA VAL A 488 11.77 5.90 -16.34
C VAL A 488 12.55 4.58 -16.17
N LEU A 489 13.73 4.50 -16.77
CA LEU A 489 14.56 3.28 -16.68
C LEU A 489 15.62 3.26 -15.58
N ASP A 490 15.93 4.41 -15.01
CA ASP A 490 16.98 4.52 -13.99
C ASP A 490 16.66 5.78 -13.19
N PRO A 491 15.69 5.71 -12.28
CA PRO A 491 15.17 6.75 -11.38
C PRO A 491 16.08 7.91 -10.99
N ALA A 492 17.15 7.59 -10.25
CA ALA A 492 18.08 8.61 -9.81
C ALA A 492 18.66 9.47 -10.95
N ARG A 493 18.65 8.93 -12.17
CA ARG A 493 19.17 9.64 -13.33
C ARG A 493 18.20 10.11 -14.41
N ASP A 494 17.15 9.34 -14.69
CA ASP A 494 16.19 9.69 -15.76
C ASP A 494 14.73 9.97 -15.39
N LEU A 495 14.42 10.05 -14.11
CA LEU A 495 13.04 10.33 -13.72
C LEU A 495 12.64 11.71 -14.24
N TRP A 496 13.48 12.70 -13.96
CA TRP A 496 13.20 14.08 -14.35
C TRP A 496 13.66 14.46 -15.73
N ASP A 497 12.87 15.29 -16.39
CA ASP A 497 13.21 15.81 -17.70
C ASP A 497 13.91 17.14 -17.53
N NO3 B . 4.07 7.26 7.04
O1 NO3 B . 4.13 7.69 8.19
O2 NO3 B . 3.29 6.25 6.85
O3 NO3 B . 4.94 7.69 6.14
K K C . -9.85 0.86 -0.17
FE1 SF4 D . -1.45 13.18 1.32
FE2 SF4 D . -0.75 14.70 3.48
FE3 SF4 D . 0.80 14.82 1.39
FE4 SF4 D . 0.76 12.45 2.76
S1 SF4 D . 1.51 14.42 3.53
S2 SF4 D . 0.64 12.84 0.46
S3 SF4 D . -1.47 12.49 3.45
S4 SF4 D . -1.46 15.40 1.43
FE SRM E . 2.54 9.21 4.99
CHA SRM E . 3.52 12.30 6.38
CHB SRM E . -0.78 10.10 5.93
CHC SRM E . 1.49 6.23 3.84
CHD SRM E . 5.04 9.32 2.86
NA SRM E . 1.63 10.69 6.23
C1A SRM E . 2.26 11.85 6.63
C2A SRM E . 1.36 12.75 7.41
CMA SRM E . 1.48 12.16 8.86
CDA SRM E . 1.51 14.27 7.45
CEA SRM E . 2.30 14.89 8.60
O3A SRM E . 3.48 14.52 8.79
O4A SRM E . 1.73 15.76 9.33
C3A SRM E . -0.03 12.33 6.96
CAA SRM E . -1.24 12.70 7.77
CBA SRM E . -2.66 12.85 7.28
CCA SRM E . -3.66 12.72 8.41
O1A SRM E . -4.00 13.76 9.02
O2A SRM E . -4.10 11.59 8.72
C4A SRM E . 0.26 10.95 6.32
NB SRM E . 0.64 8.30 4.94
C1B SRM E . -0.56 8.82 5.42
C2B SRM E . -1.56 7.71 5.25
CMB SRM E . -2.59 7.75 6.37
CDB SRM E . -1.97 7.78 3.81
CEB SRM E . -3.30 7.14 3.52
O3B SRM E . -4.17 7.87 3.03
O4B SRM E . -3.48 5.94 3.79
C3B SRM E . -0.56 6.52 5.44
CAB SRM E . -0.07 6.38 6.90
CBB SRM E . 0.46 4.96 6.75
CCB SRM E . 0.64 4.26 8.09
O1B SRM E . -0.29 3.58 8.54
O2B SRM E . 1.73 4.38 8.65
C4B SRM E . 0.65 6.96 4.64
NC SRM E . 3.28 7.81 3.63
C1C SRM E . 2.66 6.67 3.28
C2C SRM E . 3.36 6.19 2.17
CDC SRM E . 2.98 4.97 1.37
CEC SRM E . 3.31 3.66 2.10
O3C SRM E . 4.12 3.68 3.05
O4C SRM E . 2.77 2.62 1.72
C3C SRM E . 4.39 7.02 1.81
CAC SRM E . 5.32 6.62 0.66
CBC SRM E . 6.67 5.88 0.64
CCC SRM E . 7.78 6.70 1.28
O1C SRM E . 7.69 6.95 2.51
O2C SRM E . 8.74 7.10 0.57
C4C SRM E . 4.30 8.11 2.74
ND SRM E . 4.09 10.61 4.75
C1D SRM E . 5.08 10.34 3.85
C2D SRM E . 6.14 11.28 4.13
CAD SRM E . 7.36 11.58 3.19
CBD SRM E . 8.43 10.63 3.68
CCD SRM E . 9.83 10.99 3.27
O1D SRM E . 10.68 10.10 3.22
O2D SRM E . 10.09 12.17 3.00
C3D SRM E . 5.61 12.23 5.03
CDD SRM E . 6.21 13.61 5.39
CED SRM E . 7.41 13.44 6.29
O3D SRM E . 7.48 12.40 6.98
O4D SRM E . 8.29 14.34 6.32
C4D SRM E . 4.33 11.79 5.39
#